data_3IS0
#
_entry.id   3IS0
#
_cell.length_a   100.224
_cell.length_b   110.616
_cell.length_c   49.773
_cell.angle_alpha   90.00
_cell.angle_beta   106.41
_cell.angle_gamma   90.00
#
_symmetry.space_group_name_H-M   'C 1 2 1'
#
loop_
_entity.id
_entity.type
_entity.pdbx_description
1 polymer 'Uro-adherence factor A'
2 non-polymer GLYCEROL
3 water water
#
_entity_poly.entity_id   1
_entity_poly.type   'polypeptide(L)'
_entity_poly.pdbx_seq_one_letter_code
;MAQSGRNVNHLVFANTSYEILGGGKKYNQVFMTMDGKLKIKIDYTVDDSVVEGDYFTVDFGKYIHPGTSRKPYRVNNIHD
ANGRTIAIGSYDSATNTAKYTFTNYVDIYNNVRGSFSLLSWPFKELVTTDKQSVPVGITVAGEDYTQNVIFNYGNRTVPV
ISDINYLTKDFAEFTTYINQNRAFNTGSKVRLSGQGFKFTSPDEIEVYKVLNNSQFRDSFSPDYANLTQVRNPKIIINSD
GSATVDLGDIGTLGYIIRSKPNTLPDFSGIGVLKSEYTFTNNKNQRDTRAHASSIQFVRAELAGFGGFGGYVWFDKNNDG
VQNDSNAAAAGITVNLLDPTGIRLATTTTDITGHYNFDNLTNGNYLVEFVMPEGYIPTQANSTVDDKDSDVVFENGRYIA
HVTIKDADNMTIDAGLVSDTTLEHHHHHH
;
_entity_poly.pdbx_strand_id   X
#
loop_
_chem_comp.id
_chem_comp.type
_chem_comp.name
_chem_comp.formula
GOL non-polymer GLYCEROL 'C3 H8 O3'
#
# COMPACT_ATOMS: atom_id res chain seq x y z
N ALA A 2 18.96 19.64 -0.21
CA ALA A 2 18.51 18.28 -0.54
C ALA A 2 17.97 17.58 0.71
N GLN A 3 18.77 17.53 1.78
CA GLN A 3 18.41 16.78 2.98
C GLN A 3 18.09 17.70 4.17
N SER A 4 17.16 17.27 5.04
CA SER A 4 16.80 18.03 6.25
C SER A 4 17.79 17.79 7.38
N GLY A 5 18.65 16.79 7.19
CA GLY A 5 19.63 16.41 8.20
C GLY A 5 20.54 15.29 7.67
N ARG A 6 21.28 14.72 8.59
CA ARG A 6 22.23 13.65 8.29
C ARG A 6 21.59 12.29 8.24
N ASN A 7 22.21 11.39 7.47
CA ASN A 7 21.94 9.96 7.58
C ASN A 7 22.57 9.51 8.92
N VAL A 8 21.72 9.15 9.86
CA VAL A 8 22.16 8.71 11.21
C VAL A 8 21.92 7.22 11.45
N ASN A 9 22.01 6.44 10.38
CA ASN A 9 21.93 5.00 10.50
C ASN A 9 22.89 4.53 11.57
N HIS A 10 24.09 5.12 11.62
CA HIS A 10 25.13 4.64 12.54
C HIS A 10 24.85 4.96 14.03
N LEU A 11 23.83 5.79 14.26
CA LEU A 11 23.45 6.30 15.58
C LEU A 11 22.10 5.74 16.06
N VAL A 12 21.52 4.87 15.24
CA VAL A 12 20.26 4.21 15.60
C VAL A 12 20.55 2.73 15.75
N PHE A 13 20.44 2.26 16.98
CA PHE A 13 20.81 0.88 17.33
C PHE A 13 19.54 0.04 17.37
N ALA A 14 19.43 -0.87 16.42
CA ALA A 14 18.21 -1.60 16.19
C ALA A 14 18.41 -3.13 16.24
N ASN A 15 17.36 -3.83 16.66
CA ASN A 15 17.27 -5.26 16.57
C ASN A 15 16.00 -5.57 15.78
N THR A 16 16.12 -6.51 14.84
CA THR A 16 15.03 -6.79 13.88
C THR A 16 14.62 -8.25 14.00
N SER A 17 13.32 -8.53 13.86
CA SER A 17 12.88 -9.92 13.75
C SER A 17 11.69 -10.00 12.82
N TYR A 18 11.42 -11.21 12.32
CA TYR A 18 10.28 -11.43 11.44
C TYR A 18 9.27 -12.32 12.13
N GLU A 19 8.01 -12.11 11.80
CA GLU A 19 6.93 -12.99 12.27
C GLU A 19 5.98 -13.29 11.11
N ILE A 20 5.77 -14.56 10.83
CA ILE A 20 4.78 -14.98 9.82
C ILE A 20 3.38 -14.90 10.39
N LEU A 21 2.48 -14.22 9.66
CA LEU A 21 1.07 -14.14 10.02
C LEU A 21 0.20 -14.87 9.00
N GLY A 22 -1.03 -15.20 9.42
CA GLY A 22 -2.00 -15.77 8.49
C GLY A 22 -2.08 -17.28 8.53
N GLY A 23 -2.75 -17.85 7.52
CA GLY A 23 -3.16 -19.25 7.57
C GLY A 23 -2.02 -20.25 7.52
N GLY A 24 -0.84 -19.78 7.11
CA GLY A 24 0.30 -20.70 6.99
C GLY A 24 1.18 -20.71 8.22
N LYS A 25 0.84 -19.90 9.23
CA LYS A 25 1.76 -19.71 10.34
C LYS A 25 2.12 -21.02 11.05
N LYS A 26 1.15 -21.94 11.16
CA LYS A 26 1.41 -23.24 11.80
C LYS A 26 2.21 -24.20 10.88
N TYR A 27 2.40 -23.82 9.62
CA TYR A 27 3.19 -24.59 8.67
C TYR A 27 4.52 -23.88 8.33
N ASN A 28 4.82 -22.80 9.04
CA ASN A 28 6.04 -22.01 8.83
C ASN A 28 6.10 -21.44 7.40
N GLN A 29 4.96 -21.00 6.87
CA GLN A 29 4.90 -20.44 5.52
C GLN A 29 4.00 -19.23 5.48
N VAL A 30 4.35 -18.29 4.62
CA VAL A 30 3.44 -17.20 4.31
C VAL A 30 2.46 -17.74 3.27
N PHE A 31 1.20 -17.96 3.70
CA PHE A 31 0.15 -18.45 2.79
C PHE A 31 -0.48 -17.24 2.14
N MET A 32 -0.01 -16.92 0.91
CA MET A 32 -0.36 -15.67 0.26
C MET A 32 -1.83 -15.50 -0.09
N THR A 33 -2.56 -16.61 -0.15
CA THR A 33 -4.02 -16.54 -0.38
C THR A 33 -4.87 -16.87 0.83
N MET A 34 -4.24 -16.92 2.02
CA MET A 34 -4.93 -17.20 3.27
C MET A 34 -4.50 -16.18 4.33
N ASP A 35 -4.58 -14.89 3.95
CA ASP A 35 -4.26 -13.78 4.84
C ASP A 35 -2.80 -13.77 5.32
N GLY A 36 -1.92 -14.44 4.58
CA GLY A 36 -0.51 -14.50 4.96
C GLY A 36 0.18 -13.17 4.71
N LYS A 37 1.08 -12.81 5.61
CA LYS A 37 1.99 -11.68 5.40
C LYS A 37 3.17 -11.85 6.30
N LEU A 38 4.19 -11.04 6.06
CA LEU A 38 5.40 -11.10 6.88
C LEU A 38 5.48 -9.81 7.69
N LYS A 39 5.41 -9.97 9.02
CA LYS A 39 5.53 -8.82 9.90
C LYS A 39 7.01 -8.62 10.26
N ILE A 40 7.46 -7.37 10.18
CA ILE A 40 8.83 -6.99 10.53
C ILE A 40 8.73 -6.16 11.78
N LYS A 41 9.46 -6.58 12.81
CA LYS A 41 9.41 -5.93 14.13
C LYS A 41 10.77 -5.36 14.46
N ILE A 42 10.80 -4.05 14.75
CA ILE A 42 12.07 -3.36 14.95
C ILE A 42 12.04 -2.64 16.30
N ASP A 43 12.99 -3.00 17.15
CA ASP A 43 13.22 -2.32 18.43
C ASP A 43 14.46 -1.49 18.28
N TYR A 44 14.42 -0.25 18.76
CA TYR A 44 15.54 0.64 18.52
C TYR A 44 15.79 1.58 19.69
N THR A 45 17.02 2.07 19.74
CA THR A 45 17.38 3.20 20.59
C THR A 45 18.09 4.22 19.71
N VAL A 46 17.97 5.48 20.06
CA VAL A 46 18.54 6.57 19.27
C VAL A 46 19.58 7.32 20.10
N ASP A 47 20.75 7.56 19.51
CA ASP A 47 21.81 8.30 20.19
C ASP A 47 21.36 9.72 20.52
N ASP A 48 21.80 10.23 21.66
CA ASP A 48 21.42 11.60 22.03
C ASP A 48 21.90 12.68 21.07
N SER A 49 22.89 12.36 20.23
CA SER A 49 23.43 13.36 19.32
C SER A 49 22.59 13.56 18.07
N VAL A 50 21.60 12.69 17.86
CA VAL A 50 20.67 12.84 16.74
C VAL A 50 19.77 14.06 16.99
N VAL A 51 19.56 14.85 15.95
CA VAL A 51 18.72 16.06 16.00
C VAL A 51 17.55 16.03 15.02
N GLU A 52 16.63 16.99 15.18
CA GLU A 52 15.50 17.14 14.27
C GLU A 52 15.99 17.23 12.82
N GLY A 53 15.36 16.47 11.91
CA GLY A 53 15.71 16.45 10.49
C GLY A 53 16.71 15.36 10.09
N ASP A 54 17.47 14.84 11.04
CA ASP A 54 18.28 13.63 10.79
C ASP A 54 17.35 12.47 10.43
N TYR A 55 17.88 11.42 9.80
CA TYR A 55 17.00 10.32 9.37
C TYR A 55 17.76 9.00 9.38
N PHE A 56 17.03 7.91 9.58
CA PHE A 56 17.58 6.59 9.33
C PHE A 56 16.76 5.91 8.26
N THR A 57 17.25 4.80 7.75
CA THR A 57 16.55 4.15 6.62
C THR A 57 16.29 2.68 6.87
N VAL A 58 15.28 2.13 6.18
CA VAL A 58 15.10 0.69 6.14
C VAL A 58 15.01 0.33 4.65
N ASP A 59 15.97 -0.45 4.17
CA ASP A 59 16.03 -0.83 2.76
C ASP A 59 15.38 -2.21 2.72
N PHE A 60 14.28 -2.37 1.99
CA PHE A 60 13.56 -3.64 2.01
C PHE A 60 14.12 -4.72 1.07
N GLY A 61 15.20 -4.39 0.37
CA GLY A 61 15.97 -5.40 -0.36
C GLY A 61 15.33 -5.78 -1.69
N LYS A 62 15.58 -7.00 -2.15
CA LYS A 62 15.16 -7.44 -3.48
C LYS A 62 13.73 -7.99 -3.47
N TYR A 63 13.31 -8.57 -2.35
CA TYR A 63 12.20 -9.55 -2.39
C TYR A 63 10.85 -9.12 -1.83
N ILE A 64 10.86 -8.11 -0.96
CA ILE A 64 9.63 -7.70 -0.28
C ILE A 64 9.46 -6.19 -0.29
N HIS A 65 8.23 -5.74 -0.03
CA HIS A 65 7.93 -4.31 0.10
C HIS A 65 7.04 -4.14 1.32
N PRO A 66 7.04 -2.94 1.92
CA PRO A 66 6.08 -2.69 3.01
C PRO A 66 4.67 -2.69 2.40
N GLY A 67 3.68 -2.94 3.24
CA GLY A 67 2.31 -3.11 2.78
C GLY A 67 2.08 -4.49 2.17
N THR A 68 0.81 -4.79 1.88
CA THR A 68 0.48 -6.12 1.40
C THR A 68 -0.20 -5.98 0.02
N SER A 69 -1.52 -6.15 -0.03
CA SER A 69 -2.26 -6.26 -1.30
C SER A 69 -2.72 -4.94 -1.88
N ARG A 70 -2.61 -3.87 -1.08
CA ARG A 70 -3.17 -2.59 -1.46
C ARG A 70 -2.09 -1.57 -1.81
N LYS A 71 -2.22 -0.96 -2.98
CA LYS A 71 -1.30 0.06 -3.51
C LYS A 71 -1.92 1.46 -3.40
N PRO A 72 -1.07 2.51 -3.28
CA PRO A 72 0.41 2.48 -3.24
C PRO A 72 0.93 2.10 -1.87
N TYR A 73 2.09 1.45 -1.83
CA TYR A 73 2.69 1.05 -0.56
C TYR A 73 3.18 2.29 0.20
N ARG A 74 3.09 2.17 1.52
CA ARG A 74 3.46 3.27 2.43
C ARG A 74 4.01 2.69 3.72
N VAL A 75 4.69 3.55 4.46
CA VAL A 75 5.08 3.23 5.81
C VAL A 75 4.38 4.23 6.73
N ASN A 76 4.45 4.00 8.01
CA ASN A 76 3.79 4.85 8.98
C ASN A 76 4.82 5.65 9.75
N ASN A 77 4.38 6.77 10.32
CA ASN A 77 5.24 7.48 11.27
C ASN A 77 5.43 6.58 12.48
N ILE A 78 6.47 6.85 13.26
CA ILE A 78 6.75 6.07 14.44
C ILE A 78 6.59 6.93 15.68
N HIS A 79 5.96 6.35 16.70
CA HIS A 79 5.53 7.14 17.86
C HIS A 79 6.05 6.53 19.14
N ASP A 80 6.01 7.30 20.23
CA ASP A 80 6.33 6.76 21.54
C ASP A 80 5.04 6.21 22.18
N ALA A 81 5.14 5.82 23.45
CA ALA A 81 4.06 5.16 24.20
C ALA A 81 2.85 6.07 24.40
N ASN A 82 3.05 7.37 24.30
CA ASN A 82 1.95 8.33 24.44
C ASN A 82 1.49 8.95 23.11
N GLY A 83 1.96 8.36 22.01
CA GLY A 83 1.52 8.77 20.68
C GLY A 83 2.26 9.97 20.13
N ARG A 84 3.30 10.43 20.83
CA ARG A 84 4.14 11.54 20.30
C ARG A 84 4.98 11.05 19.13
N THR A 85 5.10 11.86 18.07
CA THR A 85 5.78 11.38 16.85
C THR A 85 7.28 11.49 17.01
N ILE A 86 7.95 10.35 16.92
CA ILE A 86 9.40 10.28 17.04
C ILE A 86 10.04 10.54 15.66
N ALA A 87 9.47 9.92 14.63
CA ALA A 87 10.01 10.11 13.27
C ALA A 87 8.89 9.99 12.25
N ILE A 88 8.99 10.79 11.18
CA ILE A 88 8.07 10.72 10.02
C ILE A 88 8.56 9.67 9.04
N GLY A 89 7.67 8.73 8.67
CA GLY A 89 8.03 7.64 7.77
C GLY A 89 7.67 8.02 6.34
N SER A 90 8.58 7.78 5.40
CA SER A 90 8.27 7.99 3.97
C SER A 90 8.85 6.85 3.17
N TYR A 91 8.20 6.46 2.08
CA TYR A 91 8.65 5.27 1.36
C TYR A 91 8.87 5.65 -0.08
N ASP A 92 9.99 5.17 -0.64
CA ASP A 92 10.33 5.46 -2.02
C ASP A 92 10.27 4.16 -2.79
N SER A 93 9.29 4.02 -3.69
CA SER A 93 9.09 2.73 -4.38
C SER A 93 10.27 2.43 -5.31
N ALA A 94 10.86 3.48 -5.90
CA ALA A 94 11.98 3.31 -6.87
C ALA A 94 13.16 2.56 -6.25
N THR A 95 13.50 2.92 -5.01
CA THR A 95 14.60 2.31 -4.29
C THR A 95 14.14 1.28 -3.24
N ASN A 96 12.84 1.06 -3.12
CA ASN A 96 12.27 0.10 -2.12
C ASN A 96 12.87 0.41 -0.74
N THR A 97 12.96 1.69 -0.42
CA THR A 97 13.56 2.13 0.86
C THR A 97 12.63 3.07 1.62
N ALA A 98 12.46 2.82 2.92
CA ALA A 98 11.78 3.77 3.83
C ALA A 98 12.78 4.67 4.53
N LYS A 99 12.37 5.92 4.72
CA LYS A 99 13.19 6.91 5.40
C LYS A 99 12.39 7.35 6.60
N TYR A 100 13.05 7.37 7.76
CA TYR A 100 12.41 7.79 9.01
C TYR A 100 13.14 9.04 9.47
N THR A 101 12.47 10.19 9.38
CA THR A 101 13.09 11.47 9.64
C THR A 101 12.64 11.98 11.01
N PHE A 102 13.60 12.17 11.88
CA PHE A 102 13.31 12.54 13.25
C PHE A 102 12.70 13.92 13.34
N THR A 103 11.68 14.02 14.19
CA THR A 103 11.00 15.28 14.52
C THR A 103 11.78 15.96 15.63
N ASN A 104 11.21 17.00 16.25
CA ASN A 104 11.91 17.63 17.35
C ASN A 104 11.79 16.86 18.68
N TYR A 105 11.13 15.69 18.62
CA TYR A 105 11.13 14.77 19.74
C TYR A 105 12.54 14.54 20.29
N VAL A 106 13.51 14.36 19.38
CA VAL A 106 14.87 14.03 19.78
C VAL A 106 15.60 15.21 20.40
N ASP A 107 15.02 16.41 20.27
CA ASP A 107 15.59 17.61 20.89
C ASP A 107 14.93 17.93 22.23
N ILE A 108 13.81 17.26 22.51
CA ILE A 108 13.04 17.43 23.75
C ILE A 108 13.42 16.39 24.77
N TYR A 109 13.64 15.16 24.29
CA TYR A 109 13.84 13.99 25.13
C TYR A 109 15.21 13.40 24.90
N ASN A 110 15.80 12.84 25.96
CA ASN A 110 16.97 12.02 25.81
C ASN A 110 16.60 10.56 25.97
N ASN A 111 17.54 9.67 25.70
CA ASN A 111 17.30 8.23 25.86
C ASN A 111 16.11 7.80 25.02
N VAL A 112 15.98 8.43 23.87
CA VAL A 112 14.93 8.10 22.88
C VAL A 112 15.00 6.62 22.48
N ARG A 113 13.88 5.94 22.62
CA ARG A 113 13.82 4.55 22.27
C ARG A 113 12.38 4.21 21.90
N GLY A 114 12.23 3.15 21.12
CA GLY A 114 10.92 2.65 20.84
C GLY A 114 10.92 1.34 20.10
N SER A 115 9.76 1.04 19.54
CA SER A 115 9.63 -0.08 18.67
C SER A 115 8.58 0.26 17.63
N PHE A 116 8.69 -0.38 16.47
CA PHE A 116 7.62 -0.30 15.52
C PHE A 116 7.58 -1.60 14.72
N SER A 117 6.51 -1.79 13.97
CA SER A 117 6.38 -2.94 13.09
C SER A 117 5.74 -2.56 11.77
N LEU A 118 5.94 -3.42 10.78
CA LEU A 118 5.41 -3.19 9.45
C LEU A 118 4.93 -4.52 8.91
N LEU A 119 3.88 -4.49 8.09
CA LEU A 119 3.47 -5.69 7.40
C LEU A 119 4.13 -5.59 6.02
N SER A 120 4.51 -6.73 5.46
CA SER A 120 5.18 -6.76 4.17
C SER A 120 4.70 -7.95 3.33
N TRP A 121 4.88 -7.82 2.02
CA TRP A 121 4.49 -8.85 1.03
C TRP A 121 5.64 -8.99 0.04
N PRO A 122 5.75 -10.15 -0.63
CA PRO A 122 6.81 -10.39 -1.62
C PRO A 122 6.45 -9.72 -2.94
N PHE A 123 7.46 -9.35 -3.74
CA PHE A 123 7.20 -9.01 -5.16
C PHE A 123 6.87 -10.30 -5.89
N LYS A 124 5.67 -10.34 -6.46
CA LYS A 124 5.16 -11.61 -7.04
C LYS A 124 5.87 -12.01 -8.34
N GLU A 125 6.68 -11.08 -8.87
CA GLU A 125 7.42 -11.35 -10.11
C GLU A 125 8.79 -11.96 -9.80
N LEU A 126 9.18 -11.91 -8.51
CA LEU A 126 10.44 -12.51 -8.04
C LEU A 126 10.20 -13.71 -7.15
N VAL A 127 9.20 -13.63 -6.27
CA VAL A 127 8.78 -14.78 -5.44
C VAL A 127 7.63 -15.41 -6.23
N THR A 128 8.02 -16.27 -7.17
CA THR A 128 7.12 -16.69 -8.26
C THR A 128 6.51 -18.07 -8.04
N THR A 129 7.10 -18.85 -7.11
CA THR A 129 6.92 -20.31 -7.13
C THR A 129 6.48 -20.80 -5.76
N ASP A 130 5.45 -21.63 -5.72
CA ASP A 130 5.00 -22.20 -4.43
C ASP A 130 6.10 -22.93 -3.70
N LYS A 131 6.22 -22.65 -2.40
CA LYS A 131 7.22 -23.24 -1.52
C LYS A 131 8.65 -22.73 -1.69
N GLN A 132 8.80 -21.69 -2.53
CA GLN A 132 10.09 -21.02 -2.71
C GLN A 132 10.56 -20.52 -1.35
N SER A 133 11.78 -20.90 -0.99
CA SER A 133 12.40 -20.39 0.25
C SER A 133 13.29 -19.21 -0.13
N VAL A 134 12.89 -18.02 0.31
CA VAL A 134 13.46 -16.78 -0.16
C VAL A 134 14.36 -16.21 0.95
N PRO A 135 15.62 -15.85 0.63
CA PRO A 135 16.43 -15.17 1.67
C PRO A 135 16.01 -13.70 1.76
N VAL A 136 15.07 -13.42 2.66
CA VAL A 136 14.53 -12.07 2.80
C VAL A 136 15.54 -11.22 3.60
N GLY A 137 16.36 -10.48 2.84
CA GLY A 137 17.44 -9.67 3.41
C GLY A 137 17.04 -8.20 3.29
N ILE A 138 16.99 -7.55 4.45
CA ILE A 138 16.70 -6.11 4.53
C ILE A 138 17.88 -5.43 5.20
N THR A 139 17.88 -4.10 5.22
CA THR A 139 18.92 -3.37 5.95
C THR A 139 18.23 -2.37 6.83
N VAL A 140 18.46 -2.47 8.13
CA VAL A 140 17.77 -1.61 9.08
C VAL A 140 18.85 -0.75 9.74
N ALA A 141 18.75 0.56 9.56
CA ALA A 141 19.77 1.48 10.10
C ALA A 141 21.18 1.02 9.74
N GLY A 142 21.34 0.67 8.47
CA GLY A 142 22.65 0.35 7.94
C GLY A 142 23.16 -1.04 8.24
N GLU A 143 22.38 -1.85 8.95
CA GLU A 143 22.78 -3.22 9.33
C GLU A 143 21.87 -4.25 8.68
N ASP A 144 22.48 -5.20 7.96
CA ASP A 144 21.72 -6.25 7.28
C ASP A 144 21.07 -7.22 8.26
N TYR A 145 19.86 -7.64 7.92
CA TYR A 145 19.18 -8.72 8.64
C TYR A 145 18.57 -9.64 7.58
N THR A 146 18.82 -10.95 7.65
CA THR A 146 18.28 -11.86 6.65
C THR A 146 17.71 -13.11 7.33
N GLN A 147 16.57 -13.60 6.83
CA GLN A 147 16.04 -14.88 7.27
C GLN A 147 15.39 -15.51 6.05
N ASN A 148 15.53 -16.83 5.89
CA ASN A 148 14.80 -17.49 4.78
C ASN A 148 13.33 -17.59 5.14
N VAL A 149 12.47 -17.23 4.18
CA VAL A 149 11.02 -17.24 4.41
C VAL A 149 10.38 -17.97 3.25
N ILE A 150 9.53 -18.93 3.56
CA ILE A 150 8.82 -19.73 2.53
C ILE A 150 7.50 -19.08 2.21
N PHE A 151 7.24 -18.89 0.91
CA PHE A 151 5.98 -18.33 0.47
C PHE A 151 5.23 -19.40 -0.32
N ASN A 152 3.91 -19.37 -0.24
CA ASN A 152 3.06 -20.37 -0.91
C ASN A 152 1.76 -19.71 -1.35
N TYR A 153 1.46 -19.78 -2.65
CA TYR A 153 0.22 -19.21 -3.17
C TYR A 153 -0.87 -20.26 -3.37
N GLY A 154 -0.55 -21.53 -3.13
CA GLY A 154 -1.60 -22.56 -3.26
C GLY A 154 -2.13 -22.73 -4.67
N ASN A 155 -1.25 -22.56 -5.66
CA ASN A 155 -1.66 -22.84 -7.02
C ASN A 155 -1.90 -24.35 -7.09
N ARG A 156 -2.96 -24.75 -7.77
CA ARG A 156 -3.29 -26.16 -7.89
C ARG A 156 -3.58 -26.39 -9.35
N THR A 157 -3.24 -27.59 -9.81
CA THR A 157 -3.43 -27.97 -11.19
C THR A 157 -4.89 -28.43 -11.41
N VAL A 158 -5.77 -27.44 -11.52
CA VAL A 158 -7.23 -27.65 -11.54
C VAL A 158 -7.90 -26.84 -12.68
N PRO A 159 -9.19 -27.12 -12.98
CA PRO A 159 -9.87 -26.39 -14.03
C PRO A 159 -9.91 -24.87 -13.88
N VAL A 160 -10.11 -24.38 -12.65
CA VAL A 160 -10.14 -22.94 -12.44
C VAL A 160 -9.61 -22.60 -11.06
N ILE A 161 -8.71 -21.62 -11.04
CA ILE A 161 -8.25 -21.03 -9.78
C ILE A 161 -7.90 -19.58 -10.08
N SER A 162 -8.05 -18.69 -9.10
CA SER A 162 -7.84 -17.28 -9.35
C SER A 162 -7.35 -16.64 -8.07
N ASP A 163 -6.77 -15.44 -8.19
CA ASP A 163 -6.31 -14.69 -7.03
C ASP A 163 -6.29 -13.22 -7.36
N ILE A 164 -6.31 -12.40 -6.32
CA ILE A 164 -6.24 -10.96 -6.52
C ILE A 164 -4.76 -10.62 -6.47
N ASN A 165 -4.25 -10.07 -7.58
CA ASN A 165 -2.83 -9.71 -7.68
C ASN A 165 -2.57 -8.53 -6.74
N TYR A 166 -3.34 -7.46 -6.92
CA TYR A 166 -3.24 -6.32 -6.03
C TYR A 166 -4.49 -5.49 -6.17
N LEU A 167 -4.65 -4.54 -5.25
CA LEU A 167 -5.82 -3.66 -5.24
C LEU A 167 -5.38 -2.19 -5.14
N THR A 168 -6.06 -1.32 -5.88
CA THR A 168 -5.85 0.11 -5.73
C THR A 168 -7.22 0.71 -5.41
N LYS A 169 -7.25 2.00 -5.09
CA LYS A 169 -8.50 2.70 -4.78
C LYS A 169 -9.55 2.56 -5.91
N ASP A 170 -9.08 2.45 -7.16
CA ASP A 170 -9.95 2.49 -8.34
C ASP A 170 -10.26 1.13 -8.97
N PHE A 171 -9.34 0.16 -8.83
CA PHE A 171 -9.51 -1.16 -9.46
C PHE A 171 -8.65 -2.23 -8.78
N ALA A 172 -8.99 -3.49 -9.03
CA ALA A 172 -8.09 -4.60 -8.65
C ALA A 172 -7.59 -5.24 -9.92
N GLU A 173 -6.38 -5.82 -9.89
CA GLU A 173 -5.99 -6.77 -10.93
C GLU A 173 -6.25 -8.19 -10.44
N PHE A 174 -7.05 -8.93 -11.21
CA PHE A 174 -7.58 -10.23 -10.81
C PHE A 174 -7.09 -11.22 -11.86
N THR A 175 -6.49 -12.31 -11.41
CA THR A 175 -5.87 -13.29 -12.31
C THR A 175 -6.63 -14.60 -12.21
N THR A 176 -7.06 -15.12 -13.36
CA THR A 176 -7.77 -16.38 -13.42
C THR A 176 -7.04 -17.34 -14.35
N TYR A 177 -6.72 -18.53 -13.85
CA TYR A 177 -6.08 -19.59 -14.62
C TYR A 177 -7.10 -20.68 -14.96
N ILE A 178 -7.17 -21.01 -16.25
CA ILE A 178 -8.15 -21.96 -16.79
C ILE A 178 -7.47 -23.20 -17.38
N ASN A 179 -7.89 -24.35 -16.89
CA ASN A 179 -7.49 -25.63 -17.43
C ASN A 179 -5.99 -25.92 -17.26
N GLN A 180 -5.46 -25.62 -16.07
CA GLN A 180 -4.08 -26.01 -15.80
C GLN A 180 -3.89 -27.52 -15.86
N ASN A 181 -4.96 -28.27 -15.60
CA ASN A 181 -4.89 -29.73 -15.72
C ASN A 181 -4.82 -30.23 -17.16
N ARG A 182 -5.04 -29.32 -18.11
CA ARG A 182 -4.93 -29.59 -19.56
C ARG A 182 -5.83 -30.74 -20.00
N ALA A 183 -7.05 -30.77 -19.46
CA ALA A 183 -8.03 -31.78 -19.90
C ALA A 183 -8.72 -31.29 -21.16
N PHE A 184 -9.23 -32.21 -21.97
CA PHE A 184 -10.01 -31.79 -23.12
C PHE A 184 -11.37 -31.20 -22.67
N ASN A 185 -11.59 -29.93 -23.02
CA ASN A 185 -12.80 -29.18 -22.63
C ASN A 185 -13.41 -28.49 -23.85
N THR A 186 -14.74 -28.45 -23.92
CA THR A 186 -15.44 -27.69 -24.99
C THR A 186 -16.48 -26.76 -24.39
N GLY A 187 -16.94 -25.77 -25.17
CA GLY A 187 -18.04 -24.87 -24.68
C GLY A 187 -17.64 -24.15 -23.41
N SER A 188 -16.38 -23.72 -23.37
CA SER A 188 -15.79 -23.14 -22.15
C SER A 188 -16.16 -21.68 -21.96
N LYS A 189 -16.69 -21.36 -20.79
CA LYS A 189 -17.06 -19.98 -20.47
C LYS A 189 -16.68 -19.66 -19.02
N VAL A 190 -16.26 -18.42 -18.82
CA VAL A 190 -15.84 -17.97 -17.48
C VAL A 190 -16.58 -16.69 -17.10
N ARG A 191 -17.28 -16.71 -15.97
CA ARG A 191 -17.95 -15.53 -15.45
C ARG A 191 -17.10 -14.98 -14.31
N LEU A 192 -16.77 -13.69 -14.39
CA LEU A 192 -16.01 -12.98 -13.38
C LEU A 192 -17.00 -12.04 -12.68
N SER A 193 -17.17 -12.26 -11.39
CA SER A 193 -18.16 -11.51 -10.61
C SER A 193 -17.57 -11.11 -9.27
N GLY A 194 -18.19 -10.13 -8.64
CA GLY A 194 -17.62 -9.61 -7.42
C GLY A 194 -18.64 -8.98 -6.50
N GLN A 195 -18.21 -8.82 -5.26
CA GLN A 195 -18.94 -8.04 -4.28
C GLN A 195 -17.98 -6.89 -4.00
N GLY A 196 -18.41 -5.66 -4.26
CA GLY A 196 -17.53 -4.51 -4.11
C GLY A 196 -16.81 -4.08 -5.37
N PHE A 197 -17.04 -4.82 -6.47
CA PHE A 197 -16.41 -4.54 -7.75
C PHE A 197 -17.42 -4.57 -8.89
N LYS A 198 -17.07 -3.93 -10.01
CA LYS A 198 -17.87 -4.07 -11.23
C LYS A 198 -17.07 -3.85 -12.51
N PHE A 199 -17.47 -4.56 -13.56
CA PHE A 199 -16.98 -4.34 -14.90
C PHE A 199 -17.88 -3.38 -15.66
N THR A 200 -17.28 -2.53 -16.48
CA THR A 200 -18.02 -1.59 -17.32
C THR A 200 -17.68 -1.73 -18.81
N SER A 201 -16.56 -2.38 -19.13
CA SER A 201 -16.06 -2.46 -20.51
C SER A 201 -15.28 -3.75 -20.75
N PRO A 202 -15.39 -4.35 -21.95
CA PRO A 202 -14.52 -5.48 -22.29
C PRO A 202 -13.04 -5.11 -22.29
N ASP A 203 -12.72 -3.82 -22.43
CA ASP A 203 -11.35 -3.33 -22.41
C ASP A 203 -10.68 -3.62 -21.05
N GLU A 204 -11.50 -3.96 -20.07
CA GLU A 204 -11.02 -4.25 -18.71
C GLU A 204 -10.49 -5.68 -18.56
N ILE A 205 -10.65 -6.47 -19.61
CA ILE A 205 -10.32 -7.89 -19.56
C ILE A 205 -9.39 -8.24 -20.72
N GLU A 206 -8.30 -8.93 -20.41
CA GLU A 206 -7.37 -9.43 -21.42
C GLU A 206 -7.26 -10.93 -21.29
N VAL A 207 -7.17 -11.61 -22.43
CA VAL A 207 -7.17 -13.08 -22.45
C VAL A 207 -5.88 -13.55 -23.09
N TYR A 208 -5.24 -14.57 -22.50
CA TYR A 208 -3.98 -15.09 -23.03
C TYR A 208 -4.04 -16.61 -23.07
N LYS A 209 -3.51 -17.18 -24.15
CA LYS A 209 -3.37 -18.63 -24.25
C LYS A 209 -1.94 -18.98 -23.88
N VAL A 210 -1.77 -19.97 -23.01
CA VAL A 210 -0.41 -20.43 -22.64
C VAL A 210 0.16 -21.34 -23.74
N LEU A 211 1.47 -21.27 -23.96
CA LEU A 211 2.14 -22.22 -24.85
C LEU A 211 2.41 -23.52 -24.14
N ASN A 212 2.71 -23.40 -22.84
CA ASN A 212 2.91 -24.58 -21.98
C ASN A 212 2.71 -24.17 -20.53
N ASN A 213 2.76 -25.16 -19.62
CA ASN A 213 2.41 -24.87 -18.21
C ASN A 213 3.40 -23.97 -17.49
N SER A 214 4.61 -23.81 -18.03
CA SER A 214 5.60 -22.90 -17.41
C SER A 214 5.04 -21.47 -17.25
N GLN A 215 4.10 -21.08 -18.11
CA GLN A 215 3.59 -19.72 -18.09
C GLN A 215 2.54 -19.48 -16.99
N PHE A 216 2.08 -20.57 -16.34
CA PHE A 216 1.14 -20.45 -15.23
C PHE A 216 1.94 -20.19 -13.96
N ARG A 217 2.31 -18.94 -13.75
CA ARG A 217 3.15 -18.60 -12.61
C ARG A 217 2.39 -18.78 -11.30
N ASP A 218 3.00 -19.46 -10.32
CA ASP A 218 2.27 -19.77 -9.07
C ASP A 218 1.78 -18.53 -8.33
N SER A 219 2.53 -17.43 -8.43
CA SER A 219 2.21 -16.20 -7.71
C SER A 219 0.99 -15.46 -8.27
N PHE A 220 0.42 -15.96 -9.39
CA PHE A 220 -0.68 -15.30 -10.10
C PHE A 220 -0.32 -13.88 -10.56
N SER A 221 0.96 -13.62 -10.80
CA SER A 221 1.37 -12.39 -11.50
C SER A 221 2.23 -12.80 -12.71
N PRO A 222 1.59 -13.36 -13.76
CA PRO A 222 2.34 -13.91 -14.88
C PRO A 222 3.13 -12.89 -15.68
N ASP A 223 4.06 -13.41 -16.48
CA ASP A 223 4.90 -12.57 -17.33
C ASP A 223 4.12 -12.30 -18.64
N TYR A 224 3.24 -11.29 -18.62
CA TYR A 224 2.36 -11.06 -19.77
C TYR A 224 3.11 -10.71 -21.06
N ALA A 225 4.26 -10.06 -20.91
CA ALA A 225 5.12 -9.67 -22.02
C ALA A 225 5.52 -10.86 -22.89
N ASN A 226 5.50 -12.05 -22.30
CA ASN A 226 5.92 -13.26 -23.01
C ASN A 226 4.79 -14.26 -23.30
N LEU A 227 3.56 -13.84 -23.05
CA LEU A 227 2.38 -14.67 -23.30
C LEU A 227 1.66 -14.29 -24.59
N THR A 228 1.03 -15.30 -25.20
CA THR A 228 0.27 -15.13 -26.45
C THR A 228 -1.12 -14.53 -26.14
N GLN A 229 -1.32 -13.24 -26.44
CA GLN A 229 -2.58 -12.51 -26.18
C GLN A 229 -3.64 -12.60 -27.28
N VAL A 230 -4.85 -12.99 -26.90
CA VAL A 230 -5.95 -13.21 -27.84
C VAL A 230 -6.45 -11.89 -28.40
N ARG A 231 -6.50 -11.79 -29.73
CA ARG A 231 -6.88 -10.54 -30.39
C ARG A 231 -8.40 -10.34 -30.30
N ASN A 232 -9.15 -11.38 -30.65
CA ASN A 232 -10.60 -11.31 -30.72
C ASN A 232 -11.35 -12.04 -29.60
N PRO A 233 -11.16 -11.58 -28.33
CA PRO A 233 -11.77 -12.37 -27.28
C PRO A 233 -13.25 -12.01 -27.16
N LYS A 234 -14.08 -13.02 -26.99
CA LYS A 234 -15.51 -12.83 -26.86
C LYS A 234 -15.85 -12.51 -25.40
N ILE A 235 -16.18 -11.26 -25.14
CA ILE A 235 -16.42 -10.80 -23.77
C ILE A 235 -17.72 -10.02 -23.72
N ILE A 236 -18.60 -10.38 -22.80
CA ILE A 236 -19.83 -9.59 -22.57
C ILE A 236 -19.81 -9.03 -21.16
N ILE A 237 -20.16 -7.75 -21.04
CA ILE A 237 -20.35 -7.13 -19.74
C ILE A 237 -21.84 -7.30 -19.43
N ASN A 238 -22.14 -8.04 -18.37
CA ASN A 238 -23.52 -8.35 -18.00
C ASN A 238 -24.17 -7.19 -17.27
N SER A 239 -25.49 -7.10 -17.35
CA SER A 239 -26.20 -5.97 -16.74
C SER A 239 -25.98 -5.86 -15.23
N ASP A 240 -25.64 -6.96 -14.57
CA ASP A 240 -25.32 -6.96 -13.12
C ASP A 240 -23.88 -6.52 -12.79
N GLY A 241 -23.09 -6.25 -13.82
CA GLY A 241 -21.74 -5.76 -13.63
C GLY A 241 -20.70 -6.87 -13.57
N SER A 242 -21.14 -8.11 -13.75
CA SER A 242 -20.20 -9.22 -13.96
C SER A 242 -19.79 -9.22 -15.43
N ALA A 243 -18.81 -10.05 -15.77
CA ALA A 243 -18.39 -10.20 -17.16
C ALA A 243 -18.33 -11.68 -17.51
N THR A 244 -18.65 -12.02 -18.76
CA THR A 244 -18.55 -13.39 -19.20
C THR A 244 -17.58 -13.48 -20.38
N VAL A 245 -16.58 -14.33 -20.23
CA VAL A 245 -15.57 -14.56 -21.28
C VAL A 245 -15.84 -15.92 -21.94
N ASP A 246 -16.12 -15.92 -23.24
CA ASP A 246 -16.42 -17.14 -23.97
C ASP A 246 -15.13 -17.61 -24.63
N LEU A 247 -14.50 -18.63 -24.07
CA LEU A 247 -13.25 -19.16 -24.64
C LEU A 247 -13.53 -20.17 -25.75
N GLY A 248 -14.76 -20.66 -25.82
CA GLY A 248 -15.15 -21.60 -26.86
C GLY A 248 -14.62 -23.02 -26.65
N ASP A 249 -14.29 -23.69 -27.75
CA ASP A 249 -13.86 -25.09 -27.69
C ASP A 249 -12.37 -25.17 -27.53
N ILE A 250 -11.88 -25.06 -26.29
CA ILE A 250 -10.44 -24.92 -26.00
C ILE A 250 -9.63 -26.22 -26.11
N GLY A 251 -10.31 -27.35 -26.15
CA GLY A 251 -9.61 -28.63 -26.14
C GLY A 251 -8.73 -28.73 -24.90
N THR A 252 -7.47 -29.12 -25.10
CA THR A 252 -6.54 -29.26 -23.94
C THR A 252 -5.73 -27.98 -23.64
N LEU A 253 -6.11 -26.87 -24.27
CA LEU A 253 -5.38 -25.61 -24.09
C LEU A 253 -5.59 -24.94 -22.72
N GLY A 254 -4.55 -24.27 -22.23
CA GLY A 254 -4.64 -23.55 -20.96
C GLY A 254 -4.76 -22.05 -21.26
N TYR A 255 -5.53 -21.36 -20.43
CA TYR A 255 -5.79 -19.92 -20.61
C TYR A 255 -5.57 -19.15 -19.33
N ILE A 256 -5.19 -17.88 -19.50
CA ILE A 256 -5.04 -16.94 -18.41
C ILE A 256 -5.90 -15.72 -18.73
N ILE A 257 -6.73 -15.31 -17.79
CA ILE A 257 -7.54 -14.11 -17.98
C ILE A 257 -7.07 -13.09 -16.93
N ARG A 258 -6.71 -11.90 -17.40
CA ARG A 258 -6.20 -10.82 -16.56
C ARG A 258 -7.29 -9.75 -16.57
N SER A 259 -7.94 -9.53 -15.42
CA SER A 259 -9.07 -8.59 -15.42
C SER A 259 -8.84 -7.47 -14.43
N LYS A 260 -9.45 -6.32 -14.71
CA LYS A 260 -9.27 -5.14 -13.89
C LYS A 260 -10.65 -4.54 -13.50
N PRO A 261 -11.43 -5.29 -12.69
CA PRO A 261 -12.74 -4.84 -12.21
C PRO A 261 -12.58 -3.57 -11.41
N ASN A 262 -13.55 -2.66 -11.57
CA ASN A 262 -13.55 -1.39 -10.84
C ASN A 262 -14.04 -1.59 -9.43
N THR A 263 -13.49 -0.81 -8.50
CA THR A 263 -14.03 -0.78 -7.14
C THR A 263 -15.33 0.03 -7.18
N LEU A 264 -16.20 -0.23 -6.22
CA LEU A 264 -17.45 0.51 -6.11
C LEU A 264 -17.26 1.67 -5.16
N PRO A 265 -17.72 2.88 -5.53
CA PRO A 265 -17.61 4.00 -4.59
C PRO A 265 -18.48 3.74 -3.37
N ASP A 266 -17.97 4.09 -2.20
CA ASP A 266 -18.72 3.93 -0.94
C ASP A 266 -19.16 2.49 -0.68
N PHE A 267 -18.25 1.57 -0.96
CA PHE A 267 -18.33 0.20 -0.48
C PHE A 267 -17.22 0.05 0.55
N SER A 268 -17.53 -0.62 1.65
CA SER A 268 -16.47 -1.18 2.49
C SER A 268 -16.88 -2.48 3.17
N GLY A 269 -15.95 -2.97 3.99
CA GLY A 269 -15.98 -4.33 4.49
C GLY A 269 -15.17 -5.16 3.52
N ILE A 270 -15.77 -6.26 3.07
CA ILE A 270 -15.02 -7.31 2.42
C ILE A 270 -15.42 -7.45 0.96
N GLY A 271 -14.48 -7.15 0.08
CA GLY A 271 -14.65 -7.40 -1.33
C GLY A 271 -14.43 -8.87 -1.64
N VAL A 272 -15.07 -9.33 -2.71
CA VAL A 272 -14.94 -10.70 -3.18
C VAL A 272 -14.85 -10.67 -4.69
N LEU A 273 -13.94 -11.44 -5.26
CA LEU A 273 -13.85 -11.62 -6.71
C LEU A 273 -13.83 -13.11 -6.97
N LYS A 274 -14.69 -13.53 -7.90
CA LYS A 274 -14.98 -14.93 -8.08
C LYS A 274 -14.83 -15.29 -9.56
N SER A 275 -14.23 -16.45 -9.86
CA SER A 275 -14.17 -16.97 -11.22
CA SER A 275 -14.18 -16.96 -11.23
C SER A 275 -15.04 -18.21 -11.29
N GLU A 276 -15.98 -18.22 -12.25
CA GLU A 276 -16.88 -19.33 -12.41
C GLU A 276 -16.67 -19.90 -13.80
N TYR A 277 -16.21 -21.14 -13.88
CA TYR A 277 -15.85 -21.82 -15.14
C TYR A 277 -16.86 -22.93 -15.47
N THR A 278 -17.61 -22.72 -16.53
CA THR A 278 -18.56 -23.73 -17.01
C THR A 278 -18.07 -24.29 -18.34
N PHE A 279 -18.15 -25.60 -18.48
CA PHE A 279 -17.62 -26.24 -19.68
C PHE A 279 -18.22 -27.61 -19.86
N THR A 280 -17.90 -28.22 -20.99
CA THR A 280 -18.24 -29.60 -21.22
C THR A 280 -16.93 -30.35 -21.11
N ASN A 281 -16.92 -31.40 -20.30
CA ASN A 281 -15.65 -32.07 -19.95
C ASN A 281 -15.15 -33.13 -20.93
N ASN A 282 -14.03 -33.76 -20.59
CA ASN A 282 -13.42 -34.72 -21.50
C ASN A 282 -14.25 -35.99 -21.70
N LYS A 283 -15.36 -36.10 -20.96
CA LYS A 283 -16.33 -37.18 -21.15
C LYS A 283 -17.68 -36.70 -21.68
N ASN A 284 -17.72 -35.48 -22.20
CA ASN A 284 -18.95 -34.87 -22.77
C ASN A 284 -20.07 -34.57 -21.78
N GLN A 285 -19.68 -34.34 -20.53
CA GLN A 285 -20.58 -34.05 -19.42
C GLN A 285 -20.43 -32.57 -19.09
N ARG A 286 -21.54 -31.88 -18.84
CA ARG A 286 -21.46 -30.51 -18.32
C ARG A 286 -20.77 -30.51 -16.96
N ASP A 287 -19.83 -29.58 -16.76
CA ASP A 287 -19.23 -29.38 -15.44
C ASP A 287 -19.15 -27.90 -15.11
N THR A 288 -18.99 -27.63 -13.82
CA THR A 288 -18.93 -26.29 -13.29
C THR A 288 -17.98 -26.28 -12.11
N ARG A 289 -17.01 -25.36 -12.17
CA ARG A 289 -16.03 -25.19 -11.11
C ARG A 289 -15.94 -23.70 -10.80
N ALA A 290 -15.57 -23.36 -9.58
CA ALA A 290 -15.47 -21.97 -9.18
C ALA A 290 -14.39 -21.74 -8.13
N HIS A 291 -13.91 -20.50 -8.07
CA HIS A 291 -12.97 -20.10 -7.05
C HIS A 291 -13.22 -18.67 -6.67
N ALA A 292 -13.09 -18.35 -5.38
CA ALA A 292 -13.37 -17.00 -4.89
C ALA A 292 -12.19 -16.51 -4.07
N SER A 293 -11.96 -15.20 -4.14
CA SER A 293 -10.96 -14.54 -3.29
C SER A 293 -11.58 -13.34 -2.60
N SER A 294 -11.19 -13.10 -1.36
CA SER A 294 -11.72 -11.95 -0.62
C SER A 294 -10.60 -10.96 -0.24
N ILE A 295 -10.98 -9.70 -0.06
CA ILE A 295 -10.01 -8.65 0.21
C ILE A 295 -10.67 -7.55 1.01
N GLN A 296 -9.97 -7.08 2.04
CA GLN A 296 -10.48 -6.02 2.89
C GLN A 296 -10.19 -4.68 2.25
N PHE A 297 -11.22 -3.85 2.13
CA PHE A 297 -11.06 -2.46 1.73
C PHE A 297 -10.61 -1.64 2.95
N VAL A 298 -9.31 -1.64 3.19
CA VAL A 298 -8.71 -0.85 4.27
C VAL A 298 -8.51 0.54 3.68
N ARG A 299 -9.42 1.44 4.02
CA ARG A 299 -9.45 2.78 3.42
C ARG A 299 -8.13 3.51 3.63
N ALA A 300 -7.54 3.34 4.82
CA ALA A 300 -6.29 3.99 5.19
C ALA A 300 -5.11 3.59 4.30
N GLU A 301 -5.12 2.35 3.84
CA GLU A 301 -4.11 1.84 2.90
C GLU A 301 -4.41 2.16 1.42
N LEU A 302 -5.66 2.52 1.10
CA LEU A 302 -6.03 2.84 -0.29
C LEU A 302 -6.07 4.33 -0.56
N ALA A 303 -6.13 5.12 0.51
CA ALA A 303 -6.22 6.57 0.41
C ALA A 303 -4.95 7.17 -0.15
N GLY A 304 -5.11 8.25 -0.91
CA GLY A 304 -4.00 9.09 -1.30
C GLY A 304 -3.61 9.99 -0.15
N PHE A 305 -2.56 10.77 -0.35
CA PHE A 305 -2.11 11.69 0.67
C PHE A 305 -2.81 13.02 0.45
N GLY A 306 -3.02 13.75 1.55
CA GLY A 306 -3.72 15.01 1.47
C GLY A 306 -2.79 16.16 1.80
N GLY A 307 -3.35 17.35 1.83
CA GLY A 307 -2.61 18.54 2.26
C GLY A 307 -3.57 19.68 2.52
N PHE A 308 -3.04 20.81 2.96
CA PHE A 308 -3.85 21.99 3.18
C PHE A 308 -2.92 23.19 3.12
N GLY A 309 -3.52 24.37 3.19
CA GLY A 309 -2.78 25.61 3.10
C GLY A 309 -3.69 26.73 3.55
N GLY A 310 -3.21 27.96 3.44
CA GLY A 310 -4.00 29.11 3.83
C GLY A 310 -3.22 30.38 3.63
N TYR A 311 -3.84 31.49 4.02
CA TYR A 311 -3.25 32.80 3.88
C TYR A 311 -3.10 33.45 5.24
N VAL A 312 -2.07 34.27 5.38
CA VAL A 312 -1.87 35.06 6.57
C VAL A 312 -1.78 36.50 6.12
N TRP A 313 -2.46 37.39 6.84
CA TRP A 313 -2.41 38.80 6.50
C TRP A 313 -2.55 39.65 7.76
N PHE A 314 -2.11 40.90 7.67
CA PHE A 314 -2.35 41.89 8.70
C PHE A 314 -3.75 42.46 8.51
N ASP A 315 -4.59 42.27 9.53
CA ASP A 315 -6.01 42.64 9.49
C ASP A 315 -6.24 44.07 9.95
N ALA A 327 -3.24 43.40 4.02
CA ALA A 327 -1.93 43.28 3.41
C ALA A 327 -1.35 41.91 3.74
N ALA A 328 -0.85 41.21 2.73
CA ALA A 328 -0.24 39.89 2.95
C ALA A 328 0.91 39.93 3.98
N ALA A 329 0.98 38.89 4.82
CA ALA A 329 2.09 38.73 5.74
C ALA A 329 3.07 37.74 5.14
N ALA A 330 4.20 38.24 4.68
CA ALA A 330 5.18 37.43 3.99
C ALA A 330 6.22 36.95 4.96
N GLY A 331 6.64 35.70 4.79
CA GLY A 331 7.73 35.15 5.63
C GLY A 331 7.37 34.85 7.07
N ILE A 332 6.08 34.70 7.37
CA ILE A 332 5.61 34.24 8.66
C ILE A 332 5.94 32.74 8.80
N THR A 333 6.50 32.34 9.95
CA THR A 333 6.80 30.93 10.18
C THR A 333 5.50 30.21 10.53
N VAL A 334 5.30 29.08 9.88
CA VAL A 334 4.15 28.22 10.18
C VAL A 334 4.72 26.82 10.41
N ASN A 335 4.40 26.22 11.56
CA ASN A 335 4.82 24.84 11.82
C ASN A 335 3.62 23.92 11.70
N LEU A 336 3.87 22.73 11.19
CA LEU A 336 2.92 21.65 11.28
C LEU A 336 3.27 20.77 12.48
N LEU A 337 2.29 20.58 13.37
CA LEU A 337 2.46 19.75 14.58
C LEU A 337 1.56 18.51 14.58
N ASP A 338 2.01 17.44 15.22
CA ASP A 338 1.06 16.37 15.59
C ASP A 338 0.17 16.87 16.75
N PRO A 339 -0.94 16.17 17.04
CA PRO A 339 -1.85 16.63 18.10
C PRO A 339 -1.18 16.77 19.47
N THR A 340 -0.05 16.08 19.67
CA THR A 340 0.66 16.18 20.94
C THR A 340 1.64 17.38 20.97
N GLY A 341 1.76 18.12 19.87
CA GLY A 341 2.57 19.35 19.83
C GLY A 341 3.97 19.18 19.27
N ILE A 342 4.30 17.95 18.84
CA ILE A 342 5.61 17.70 18.20
C ILE A 342 5.64 18.31 16.81
N ARG A 343 6.75 18.94 16.43
CA ARG A 343 6.83 19.55 15.11
C ARG A 343 7.14 18.49 14.04
N LEU A 344 6.28 18.43 13.03
CA LEU A 344 6.45 17.53 11.88
C LEU A 344 7.06 18.18 10.64
N ALA A 345 6.79 19.47 10.47
CA ALA A 345 7.32 20.22 9.32
C ALA A 345 7.34 21.69 9.63
N THR A 346 8.11 22.44 8.84
CA THR A 346 8.05 23.90 8.96
C THR A 346 8.04 24.55 7.57
N THR A 347 7.43 25.72 7.48
CA THR A 347 7.46 26.47 6.23
C THR A 347 7.30 27.93 6.58
N THR A 348 7.31 28.78 5.56
CA THR A 348 6.96 30.18 5.75
C THR A 348 5.97 30.60 4.68
N THR A 349 5.21 31.63 4.99
CA THR A 349 4.36 32.24 3.96
C THR A 349 5.21 32.88 2.87
N ASP A 350 4.76 32.74 1.63
CA ASP A 350 5.44 33.36 0.49
C ASP A 350 5.09 34.85 0.37
N ILE A 351 5.49 35.45 -0.74
CA ILE A 351 5.29 36.88 -0.93
C ILE A 351 3.79 37.27 -0.97
N THR A 352 2.91 36.33 -1.30
CA THR A 352 1.47 36.60 -1.35
C THR A 352 0.76 36.23 -0.04
N GLY A 353 1.55 35.83 0.97
CA GLY A 353 1.00 35.44 2.28
C GLY A 353 0.52 34.00 2.38
N HIS A 354 0.85 33.18 1.39
CA HIS A 354 0.37 31.81 1.33
C HIS A 354 1.38 30.78 1.82
N TYR A 355 0.89 29.73 2.47
CA TYR A 355 1.72 28.60 2.84
C TYR A 355 0.95 27.31 2.52
N ASN A 356 1.65 26.19 2.49
CA ASN A 356 0.98 24.89 2.42
C ASN A 356 1.85 23.77 2.94
N PHE A 357 1.19 22.65 3.24
CA PHE A 357 1.83 21.40 3.57
C PHE A 357 1.14 20.32 2.74
N ASP A 358 1.90 19.54 2.01
CA ASP A 358 1.24 18.44 1.31
C ASP A 358 1.86 17.10 1.65
N ASN A 359 1.36 16.04 0.99
CA ASN A 359 1.80 14.68 1.25
C ASN A 359 1.60 14.25 2.69
N LEU A 360 0.47 14.63 3.26
CA LEU A 360 0.12 14.31 4.64
C LEU A 360 -0.82 13.11 4.72
N THR A 361 -0.46 12.15 5.56
CA THR A 361 -1.31 11.00 5.81
C THR A 361 -2.59 11.48 6.51
N ASN A 362 -3.71 10.86 6.19
CA ASN A 362 -4.98 11.25 6.77
C ASN A 362 -4.90 11.20 8.28
N GLY A 363 -5.48 12.20 8.94
CA GLY A 363 -5.51 12.25 10.37
C GLY A 363 -5.58 13.67 10.87
N ASN A 364 -5.27 13.84 12.15
CA ASN A 364 -5.39 15.15 12.79
C ASN A 364 -4.03 15.83 12.96
N TYR A 365 -4.01 17.13 12.73
CA TYR A 365 -2.78 17.91 12.87
C TYR A 365 -3.07 19.21 13.57
N LEU A 366 -2.03 19.89 14.00
CA LEU A 366 -2.18 21.25 14.46
C LEU A 366 -1.34 22.12 13.55
N VAL A 367 -1.84 23.33 13.30
CA VAL A 367 -1.08 24.28 12.50
C VAL A 367 -0.76 25.42 13.43
N GLU A 368 0.53 25.72 13.53
CA GLU A 368 0.99 26.75 14.47
C GLU A 368 1.54 27.95 13.70
N PHE A 369 0.89 29.09 13.87
CA PHE A 369 1.35 30.35 13.27
C PHE A 369 2.19 31.11 14.29
N VAL A 370 3.43 31.43 13.95
CA VAL A 370 4.29 32.14 14.89
C VAL A 370 4.09 33.63 14.73
N MET A 371 3.60 34.25 15.79
CA MET A 371 3.28 35.68 15.77
C MET A 371 4.52 36.53 15.72
N PRO A 372 4.52 37.53 14.85
CA PRO A 372 5.53 38.57 15.01
C PRO A 372 5.33 39.23 16.37
N GLU A 373 6.41 39.72 16.99
CA GLU A 373 6.27 40.35 18.29
C GLU A 373 5.29 41.52 18.16
N GLY A 374 4.32 41.57 19.06
CA GLY A 374 3.34 42.66 19.11
C GLY A 374 2.02 42.38 18.42
N TYR A 375 1.87 41.18 17.87
CA TYR A 375 0.65 40.83 17.13
C TYR A 375 -0.07 39.63 17.71
N ILE A 376 -1.39 39.63 17.55
CA ILE A 376 -2.25 38.55 18.01
C ILE A 376 -3.21 38.22 16.87
N PRO A 377 -3.86 37.03 16.91
CA PRO A 377 -4.76 36.61 15.85
C PRO A 377 -6.09 37.33 15.92
N THR A 378 -6.72 37.49 14.75
CA THR A 378 -8.00 38.18 14.65
C THR A 378 -9.18 37.26 14.98
N VAL A 391 -9.45 26.65 17.95
CA VAL A 391 -8.29 27.55 17.97
C VAL A 391 -7.99 28.07 19.38
N VAL A 392 -6.71 28.32 19.64
CA VAL A 392 -6.24 28.95 20.88
C VAL A 392 -4.97 29.74 20.61
N PHE A 393 -4.69 30.69 21.48
CA PHE A 393 -3.53 31.57 21.33
C PHE A 393 -2.76 31.70 22.64
N GLU A 394 -1.48 31.31 22.62
CA GLU A 394 -0.62 31.31 23.82
C GLU A 394 0.83 31.59 23.47
N ASN A 395 1.51 32.37 24.32
CA ASN A 395 2.93 32.70 24.13
C ASN A 395 3.29 33.03 22.67
N GLY A 396 2.51 33.92 22.05
CA GLY A 396 2.72 34.33 20.66
C GLY A 396 2.62 33.23 19.62
N ARG A 397 1.88 32.15 19.92
CA ARG A 397 1.63 31.09 18.96
C ARG A 397 0.11 30.91 18.77
N TYR A 398 -0.35 31.03 17.54
CA TYR A 398 -1.75 30.80 17.22
C TYR A 398 -1.87 29.37 16.69
N ILE A 399 -2.64 28.53 17.39
CA ILE A 399 -2.71 27.11 16.99
C ILE A 399 -4.11 26.71 16.58
N ALA A 400 -4.22 26.19 15.36
CA ALA A 400 -5.51 25.76 14.83
C ALA A 400 -5.47 24.25 14.57
N HIS A 401 -6.59 23.58 14.81
CA HIS A 401 -6.69 22.14 14.57
C HIS A 401 -7.04 21.93 13.10
N VAL A 402 -6.52 20.86 12.48
CA VAL A 402 -6.90 20.55 11.10
C VAL A 402 -7.09 19.04 10.94
N THR A 403 -8.11 18.66 10.18
CA THR A 403 -8.34 17.25 9.87
C THR A 403 -8.10 17.00 8.39
N ILE A 404 -7.20 16.07 8.08
CA ILE A 404 -6.85 15.73 6.69
C ILE A 404 -7.58 14.44 6.30
N LYS A 405 -8.28 14.50 5.16
CA LYS A 405 -8.98 13.35 4.57
C LYS A 405 -8.95 13.45 3.04
N ASP A 406 -8.09 12.66 2.39
CA ASP A 406 -7.83 12.75 0.94
C ASP A 406 -9.06 13.08 0.07
N MET A 410 -8.67 21.52 2.19
CA MET A 410 -9.21 22.65 2.94
C MET A 410 -8.20 23.79 3.22
N THR A 411 -8.67 24.81 3.95
CA THR A 411 -8.00 26.09 4.11
C THR A 411 -7.93 26.51 5.57
N ILE A 412 -6.74 26.88 6.05
CA ILE A 412 -6.56 27.40 7.40
C ILE A 412 -5.85 28.78 7.32
N ASP A 413 -6.62 29.84 7.56
CA ASP A 413 -6.12 31.23 7.46
C ASP A 413 -5.81 31.86 8.82
N ALA A 414 -5.03 32.94 8.82
CA ALA A 414 -4.76 33.70 10.05
C ALA A 414 -4.65 35.20 9.74
N GLY A 415 -5.47 36.00 10.40
CA GLY A 415 -5.37 37.45 10.35
C GLY A 415 -4.64 37.95 11.59
N LEU A 416 -3.76 38.93 11.39
CA LEU A 416 -2.94 39.45 12.48
C LEU A 416 -3.37 40.86 12.83
N VAL A 417 -3.48 41.15 14.13
CA VAL A 417 -3.82 42.50 14.57
C VAL A 417 -2.84 42.93 15.67
N SER A 418 -2.62 44.23 15.82
CA SER A 418 -1.74 44.71 16.88
C SER A 418 -2.28 44.34 18.28
N ASP A 419 -1.37 44.12 19.22
CA ASP A 419 -1.71 43.59 20.53
C ASP A 419 -2.66 44.48 21.34
C1 GOL B . -1.61 -23.07 0.57
O1 GOL B . -2.52 -24.13 0.79
C2 GOL B . -2.41 -21.78 0.61
O2 GOL B . -3.47 -21.79 -0.33
C3 GOL B . -1.51 -20.58 0.31
O3 GOL B . -2.26 -19.41 0.55
#